data_5X4R
#
_entry.id   5X4R
#
_cell.length_a   51.615
_cell.length_b   86.609
_cell.length_c   88.098
_cell.angle_alpha   90.00
_cell.angle_beta   90.00
_cell.angle_gamma   90.00
#
_symmetry.space_group_name_H-M   'P 21 21 21'
#
loop_
_entity.id
_entity.type
_entity.pdbx_description
1 polymer 'S protein'
2 branched 2-acetamido-2-deoxy-beta-D-glucopyranose-(1-4)-2-acetamido-2-deoxy-beta-D-glucopyranose
3 water water
#
_entity_poly.entity_id   1
_entity_poly.type   'polypeptide(L)'
_entity_poly.pdbx_seq_one_letter_code
;YVDVGPDSVKSACIEVDIQQTFFDKTWPRPIDVSKADGIIYPQGRTYSNITITYQGLFPYQGDHGDMYVYSAGHATGTTP
QKLFVANYSQDVKQFANGFVVRIGAAANSTGTVIISPSTSATIRKIYPAFMLGSSVGNFSDGKMGRFFNHTLVLLPDGCG
TLLRAFYCILEPRSGNHCPAGNSYTSFATYHTPATDCSDGNYNRNASLNSFKEYFNLRNCTFMYTYNITEDEILEWFGIT
QTAQGVHLFSSRYVDLYGGNMFQFATLPVYDTIKYYSIIPHSIRSIQSDRKAWAAFYVYKLQPLTFLLDFSVDGYIRRAI
DCGFNDLSQLHCSYESHHHHHH
;
_entity_poly.pdbx_strand_id   A
#
loop_
_chem_comp.id
_chem_comp.type
_chem_comp.name
_chem_comp.formula
NAG D-saccharide, beta linking 2-acetamido-2-deoxy-beta-D-glucopyranose 'C8 H15 N O6'
#
# COMPACT_ATOMS: atom_id res chain seq x y z
N TYR A 1 17.58 1.64 20.65
CA TYR A 1 16.59 2.05 19.66
C TYR A 1 17.16 3.04 18.66
N VAL A 2 16.46 3.23 17.55
CA VAL A 2 16.95 4.04 16.43
C VAL A 2 16.42 5.47 16.47
N ASP A 3 17.30 6.42 16.17
CA ASP A 3 16.91 7.81 15.97
C ASP A 3 16.18 7.94 14.64
N VAL A 4 14.92 8.35 14.69
CA VAL A 4 14.13 8.51 13.47
C VAL A 4 13.84 9.98 13.17
N GLY A 5 14.67 10.87 13.70
CA GLY A 5 14.46 12.29 13.52
C GLY A 5 13.54 12.84 14.58
N PRO A 6 13.39 14.16 14.64
CA PRO A 6 12.65 14.82 15.71
C PRO A 6 11.15 14.60 15.63
N ASP A 7 10.47 14.73 16.77
CA ASP A 7 9.02 14.76 16.81
C ASP A 7 8.54 16.00 16.05
N SER A 8 7.30 15.97 15.60
CA SER A 8 6.69 17.17 15.03
C SER A 8 6.52 18.22 16.12
N VAL A 9 6.78 19.48 15.77
CA VAL A 9 6.60 20.58 16.72
C VAL A 9 5.23 21.24 16.56
N LYS A 10 4.40 20.70 15.67
CA LYS A 10 3.07 21.26 15.48
C LYS A 10 2.17 20.98 16.68
N SER A 11 1.30 21.94 16.99
CA SER A 11 0.44 21.83 18.15
C SER A 11 -0.95 21.29 17.79
N ALA A 12 -1.18 21.07 16.50
CA ALA A 12 -2.44 20.50 16.04
C ALA A 12 -2.18 19.61 14.84
N CYS A 13 -3.19 18.88 14.42
CA CYS A 13 -3.13 18.08 13.21
C CYS A 13 -3.99 18.71 12.12
N ILE A 14 -3.71 18.37 10.87
CA ILE A 14 -4.56 18.82 9.78
C ILE A 14 -5.91 18.12 9.88
N GLU A 15 -6.97 18.89 9.70
CA GLU A 15 -8.32 18.35 9.79
C GLU A 15 -8.57 17.39 8.65
N VAL A 16 -9.30 16.31 8.95
CA VAL A 16 -9.51 15.24 8.01
C VAL A 16 -11.00 15.03 7.75
N ASP A 17 -11.39 15.09 6.48
CA ASP A 17 -12.77 14.89 6.06
C ASP A 17 -12.94 13.49 5.50
N ILE A 18 -13.71 12.66 6.21
CA ILE A 18 -13.99 11.31 5.75
C ILE A 18 -15.30 11.28 4.98
N GLN A 19 -15.22 10.89 3.70
CA GLN A 19 -16.41 10.81 2.85
C GLN A 19 -16.36 9.54 2.02
N GLN A 20 -16.69 8.42 2.67
CA GLN A 20 -16.56 7.10 2.04
C GLN A 20 -17.31 6.96 0.71
N THR A 21 -18.44 7.64 0.56
CA THR A 21 -19.23 7.51 -0.67
C THR A 21 -18.48 7.97 -1.92
N PHE A 22 -17.53 8.90 -1.75
CA PHE A 22 -16.74 9.39 -2.87
C PHE A 22 -15.70 8.37 -3.31
N PHE A 23 -15.46 7.36 -2.47
CA PHE A 23 -14.41 6.36 -2.71
C PHE A 23 -15.02 5.00 -3.02
N ASP A 24 -16.35 4.96 -3.04
CA ASP A 24 -17.08 3.74 -3.40
C ASP A 24 -17.25 3.68 -4.91
N LYS A 25 -16.30 3.04 -5.58
CA LYS A 25 -16.35 2.93 -7.02
C LYS A 25 -16.23 1.47 -7.43
N THR A 26 -16.77 1.14 -8.59
CA THR A 26 -16.60 -0.20 -9.12
C THR A 26 -15.64 -0.17 -10.30
N TRP A 27 -14.37 -0.46 -10.03
CA TRP A 27 -13.34 -0.52 -11.05
C TRP A 27 -12.67 -1.89 -10.98
N PRO A 28 -13.37 -2.93 -11.43
CA PRO A 28 -12.89 -4.30 -11.22
C PRO A 28 -11.58 -4.61 -11.94
N ARG A 29 -10.63 -5.15 -11.19
CA ARG A 29 -9.39 -5.69 -11.75
C ARG A 29 -9.07 -7.02 -11.08
N PRO A 30 -9.88 -8.04 -11.37
CA PRO A 30 -9.74 -9.34 -10.71
C PRO A 30 -8.44 -10.06 -11.09
N ILE A 31 -8.02 -10.96 -10.21
CA ILE A 31 -6.85 -11.78 -10.48
C ILE A 31 -7.09 -12.61 -11.72
N ASP A 32 -6.17 -12.52 -12.67
CA ASP A 32 -6.15 -13.43 -13.81
C ASP A 32 -4.81 -14.15 -13.80
N VAL A 33 -4.79 -15.38 -13.30
CA VAL A 33 -3.51 -16.08 -13.18
C VAL A 33 -2.97 -16.54 -14.54
N SER A 34 -3.82 -16.51 -15.58
N SER A 34 -3.82 -16.52 -15.57
CA SER A 34 -3.36 -16.86 -16.92
CA SER A 34 -3.39 -16.83 -16.93
C SER A 34 -2.35 -15.83 -17.43
C SER A 34 -2.33 -15.85 -17.39
N LYS A 35 -2.38 -14.63 -16.83
CA LYS A 35 -1.40 -13.59 -17.13
C LYS A 35 -0.40 -13.48 -16.01
N ALA A 36 -0.43 -14.43 -15.08
CA ALA A 36 0.46 -14.43 -13.92
C ALA A 36 0.26 -13.22 -13.00
N ASP A 37 -0.99 -12.81 -12.81
CA ASP A 37 -1.31 -11.79 -11.81
C ASP A 37 -1.02 -12.31 -10.41
N GLY A 38 -0.32 -11.52 -9.61
CA GLY A 38 -0.19 -11.79 -8.18
C GLY A 38 0.69 -12.97 -7.80
N ILE A 39 1.69 -13.23 -8.64
CA ILE A 39 2.57 -14.37 -8.44
C ILE A 39 3.88 -14.02 -7.76
N ILE A 40 4.09 -14.55 -6.56
CA ILE A 40 5.37 -14.51 -5.90
C ILE A 40 6.21 -15.67 -6.45
N TYR A 41 7.38 -15.35 -6.98
CA TYR A 41 8.23 -16.35 -7.60
C TYR A 41 8.74 -17.34 -6.56
N PRO A 42 8.71 -18.65 -6.89
CA PRO A 42 9.24 -19.66 -5.98
C PRO A 42 10.77 -19.71 -5.98
N GLN A 43 11.39 -18.68 -5.41
CA GLN A 43 12.85 -18.55 -5.38
C GLN A 43 13.52 -19.71 -4.63
N GLY A 44 14.66 -20.16 -5.15
CA GLY A 44 15.42 -21.20 -4.50
C GLY A 44 16.01 -22.21 -5.47
N ARG A 45 15.36 -22.37 -6.62
CA ARG A 45 15.83 -23.30 -7.63
C ARG A 45 15.84 -22.65 -9.01
N THR A 46 16.51 -23.30 -9.96
CA THR A 46 16.58 -22.79 -11.31
C THR A 46 15.53 -23.47 -12.19
N TYR A 47 14.55 -22.70 -12.64
CA TYR A 47 13.52 -23.21 -13.54
C TYR A 47 13.62 -22.50 -14.88
N SER A 48 13.53 -23.28 -15.95
CA SER A 48 13.60 -22.72 -17.29
C SER A 48 12.87 -23.63 -18.27
N ASN A 49 11.97 -23.04 -19.05
CA ASN A 49 11.30 -23.76 -20.14
C ASN A 49 10.62 -25.02 -19.63
N ILE A 50 9.80 -24.87 -18.59
CA ILE A 50 9.23 -26.04 -17.94
C ILE A 50 7.90 -25.70 -17.26
N THR A 51 7.01 -26.69 -17.18
CA THR A 51 5.73 -26.50 -16.50
C THR A 51 5.67 -27.44 -15.30
N ILE A 52 5.37 -26.89 -14.12
CA ILE A 52 5.31 -27.70 -12.90
C ILE A 52 4.04 -27.43 -12.12
N THR A 53 3.68 -28.31 -11.20
CA THR A 53 2.67 -27.97 -10.21
C THR A 53 3.39 -27.69 -8.90
N TYR A 54 3.01 -26.60 -8.26
CA TYR A 54 3.72 -26.08 -7.12
C TYR A 54 2.74 -25.55 -6.09
N GLN A 55 2.91 -25.95 -4.83
CA GLN A 55 2.05 -25.47 -3.77
C GLN A 55 2.73 -24.32 -3.02
N GLY A 56 2.08 -23.16 -3.03
CA GLY A 56 2.63 -22.01 -2.32
C GLY A 56 1.56 -20.99 -2.04
N LEU A 57 1.97 -19.82 -1.57
CA LEU A 57 1.02 -18.76 -1.28
C LEU A 57 0.64 -18.01 -2.54
N PHE A 58 -0.64 -18.09 -2.90
CA PHE A 58 -1.15 -17.43 -4.10
C PHE A 58 -2.51 -16.81 -3.81
N PRO A 59 -2.89 -15.79 -4.60
CA PRO A 59 -4.27 -15.31 -4.59
C PRO A 59 -5.09 -16.20 -5.50
N TYR A 60 -6.40 -16.24 -5.30
CA TYR A 60 -7.21 -17.15 -6.12
C TYR A 60 -7.68 -16.50 -7.41
N GLN A 61 -7.81 -17.34 -8.43
CA GLN A 61 -8.28 -16.90 -9.73
C GLN A 61 -9.62 -16.19 -9.63
N GLY A 62 -9.69 -14.99 -10.21
CA GLY A 62 -10.92 -14.22 -10.25
C GLY A 62 -11.22 -13.40 -9.00
N ASP A 63 -10.32 -13.42 -8.03
CA ASP A 63 -10.49 -12.63 -6.82
C ASP A 63 -10.48 -11.16 -7.18
N HIS A 64 -11.53 -10.44 -6.78
CA HIS A 64 -11.59 -9.01 -7.04
C HIS A 64 -10.73 -8.23 -6.06
N GLY A 65 -10.42 -8.85 -4.92
CA GLY A 65 -9.67 -8.19 -3.87
C GLY A 65 -10.38 -6.99 -3.28
N ASP A 66 -9.63 -6.18 -2.53
CA ASP A 66 -10.15 -4.96 -1.94
C ASP A 66 -9.53 -3.79 -2.65
N MET A 67 -10.35 -2.86 -3.13
CA MET A 67 -9.84 -1.69 -3.82
C MET A 67 -9.69 -0.49 -2.88
N TYR A 68 -8.59 0.23 -3.04
CA TYR A 68 -8.34 1.44 -2.27
C TYR A 68 -7.96 2.58 -3.20
N VAL A 69 -8.42 3.79 -2.86
CA VAL A 69 -8.18 4.98 -3.65
C VAL A 69 -7.77 6.14 -2.75
N TYR A 70 -6.75 6.89 -3.18
CA TYR A 70 -6.32 8.10 -2.50
C TYR A 70 -6.72 9.33 -3.32
N SER A 71 -7.09 10.40 -2.64
CA SER A 71 -7.63 11.58 -3.30
C SER A 71 -6.91 12.89 -2.95
N ALA A 72 -6.93 13.82 -3.90
CA ALA A 72 -6.60 15.20 -3.63
C ALA A 72 -7.47 15.70 -2.47
N GLY A 73 -6.93 16.62 -1.67
CA GLY A 73 -7.70 17.15 -0.56
C GLY A 73 -8.57 18.33 -0.95
N HIS A 74 -9.32 18.86 0.01
CA HIS A 74 -10.07 20.08 -0.21
C HIS A 74 -9.09 21.19 -0.49
N ALA A 75 -9.53 22.17 -1.28
CA ALA A 75 -8.67 23.30 -1.61
C ALA A 75 -9.48 24.44 -2.17
N THR A 76 -9.00 25.65 -1.93
CA THR A 76 -9.47 26.80 -2.67
C THR A 76 -8.55 26.90 -3.89
N GLY A 77 -8.64 28.01 -4.61
CA GLY A 77 -7.75 28.22 -5.75
C GLY A 77 -6.29 28.34 -5.33
N THR A 78 -6.07 28.76 -4.08
CA THR A 78 -4.73 29.09 -3.63
C THR A 78 -4.22 28.24 -2.47
N THR A 79 -5.15 27.66 -1.70
CA THR A 79 -4.79 27.11 -0.40
C THR A 79 -5.38 25.74 -0.16
N PRO A 80 -4.51 24.74 0.10
CA PRO A 80 -5.01 23.42 0.50
C PRO A 80 -5.72 23.54 1.84
N GLN A 81 -6.82 22.80 2.00
CA GLN A 81 -7.59 22.84 3.23
C GLN A 81 -7.67 21.44 3.81
N LYS A 82 -8.84 21.03 4.28
CA LYS A 82 -9.02 19.71 4.88
C LYS A 82 -8.53 18.57 3.98
N LEU A 83 -7.96 17.54 4.58
CA LEU A 83 -7.68 16.32 3.83
C LEU A 83 -8.99 15.65 3.45
N PHE A 84 -8.94 14.83 2.42
CA PHE A 84 -10.14 14.14 1.94
C PHE A 84 -9.81 12.66 1.80
N VAL A 85 -10.45 11.83 2.62
CA VAL A 85 -10.09 10.41 2.70
C VAL A 85 -11.31 9.50 2.81
N ALA A 86 -11.07 8.22 2.54
CA ALA A 86 -12.04 7.17 2.79
C ALA A 86 -11.95 6.73 4.26
N ASN A 87 -12.78 5.76 4.64
CA ASN A 87 -12.86 5.32 6.02
C ASN A 87 -11.88 4.18 6.34
N TYR A 88 -10.75 4.15 5.66
CA TYR A 88 -9.83 3.01 5.73
C TYR A 88 -9.21 2.75 7.11
N SER A 89 -8.95 3.80 7.89
CA SER A 89 -8.28 3.64 9.17
C SER A 89 -9.05 2.82 10.18
N GLN A 90 -10.38 2.85 10.11
CA GLN A 90 -11.20 2.08 11.03
C GLN A 90 -11.44 0.66 10.53
N ASP A 91 -11.03 0.38 9.31
CA ASP A 91 -11.27 -0.94 8.72
C ASP A 91 -10.06 -1.85 8.91
N VAL A 92 -9.93 -2.41 10.11
CA VAL A 92 -8.80 -3.28 10.40
C VAL A 92 -9.08 -4.70 9.90
N LYS A 93 -8.12 -5.23 9.16
CA LYS A 93 -8.25 -6.53 8.50
C LYS A 93 -7.36 -7.57 9.18
N GLN A 94 -7.73 -8.84 9.03
CA GLN A 94 -6.86 -9.92 9.50
C GLN A 94 -5.73 -10.18 8.50
N PHE A 95 -4.50 -10.24 8.99
CA PHE A 95 -3.34 -10.43 8.12
C PHE A 95 -3.32 -11.83 7.53
N ALA A 96 -3.65 -12.84 8.35
CA ALA A 96 -3.62 -14.23 7.93
C ALA A 96 -2.26 -14.60 7.34
N ASN A 97 -2.23 -15.00 6.07
CA ASN A 97 -0.97 -15.37 5.42
C ASN A 97 -0.30 -14.24 4.66
N GLY A 98 -0.87 -13.04 4.76
CA GLY A 98 -0.32 -11.91 4.04
C GLY A 98 -1.09 -11.61 2.77
N PHE A 99 -0.52 -10.77 1.92
CA PHE A 99 -1.27 -10.32 0.75
C PHE A 99 -0.38 -9.82 -0.37
N VAL A 100 -0.96 -9.71 -1.57
CA VAL A 100 -0.28 -9.06 -2.69
C VAL A 100 -1.11 -7.87 -3.17
N VAL A 101 -0.45 -6.92 -3.84
CA VAL A 101 -1.05 -5.65 -4.18
C VAL A 101 -0.73 -5.27 -5.61
N ARG A 102 -1.78 -5.00 -6.39
CA ARG A 102 -1.65 -4.48 -7.75
C ARG A 102 -1.63 -2.97 -7.67
N ILE A 103 -0.53 -2.39 -8.15
CA ILE A 103 -0.26 -0.96 -7.99
C ILE A 103 -0.14 -0.28 -9.36
N GLY A 104 -0.84 0.84 -9.51
CA GLY A 104 -0.70 1.69 -10.69
C GLY A 104 -1.33 1.18 -11.98
N ALA A 105 -2.27 0.25 -11.87
CA ALA A 105 -2.79 -0.42 -13.08
C ALA A 105 -3.44 0.55 -14.07
N ALA A 106 -4.12 1.56 -13.55
CA ALA A 106 -4.86 2.50 -14.40
C ALA A 106 -4.03 3.69 -14.86
N ALA A 107 -2.75 3.74 -14.46
CA ALA A 107 -1.89 4.86 -14.84
C ALA A 107 -1.92 5.10 -16.34
N ASN A 108 -1.99 6.40 -16.70
CA ASN A 108 -2.06 6.91 -18.08
C ASN A 108 -3.47 7.09 -18.62
N SER A 109 -4.43 6.34 -18.08
N SER A 109 -4.42 6.34 -18.08
CA SER A 109 -5.81 6.47 -18.53
CA SER A 109 -5.82 6.46 -18.50
C SER A 109 -6.44 7.70 -17.91
C SER A 109 -6.43 7.72 -17.92
N THR A 110 -7.63 8.06 -18.38
CA THR A 110 -8.32 9.24 -17.88
C THR A 110 -9.33 8.86 -16.81
N GLY A 111 -9.32 9.59 -15.71
CA GLY A 111 -10.19 9.28 -14.59
C GLY A 111 -10.58 10.48 -13.75
N THR A 112 -11.58 10.29 -12.90
CA THR A 112 -12.08 11.35 -12.03
C THR A 112 -11.09 11.69 -10.91
N VAL A 113 -11.06 12.95 -10.46
CA VAL A 113 -10.14 13.37 -9.40
C VAL A 113 -10.66 13.11 -7.99
N ILE A 114 -11.76 12.34 -7.92
CA ILE A 114 -12.39 11.87 -6.69
C ILE A 114 -13.15 12.94 -5.89
N ILE A 115 -12.43 13.94 -5.38
CA ILE A 115 -13.08 14.98 -4.58
C ILE A 115 -13.95 15.88 -5.43
N SER A 116 -13.65 15.92 -6.74
CA SER A 116 -14.49 16.64 -7.69
C SER A 116 -14.84 15.72 -8.84
N PRO A 117 -15.92 14.93 -8.68
CA PRO A 117 -16.30 13.87 -9.63
C PRO A 117 -16.48 14.34 -11.07
N SER A 118 -16.87 15.59 -11.27
CA SER A 118 -17.10 16.12 -12.62
C SER A 118 -15.79 16.50 -13.31
N THR A 119 -14.70 16.45 -12.57
CA THR A 119 -13.39 16.84 -13.09
C THR A 119 -12.54 15.63 -13.41
N SER A 120 -12.11 15.49 -14.65
CA SER A 120 -11.27 14.39 -15.05
C SER A 120 -9.81 14.82 -15.24
N ALA A 121 -8.91 13.84 -15.13
CA ALA A 121 -7.49 14.09 -15.25
C ALA A 121 -6.80 12.78 -15.62
N THR A 122 -5.59 12.90 -16.15
CA THR A 122 -4.77 11.73 -16.42
C THR A 122 -4.41 11.05 -15.10
N ILE A 123 -4.57 9.74 -15.04
CA ILE A 123 -4.28 8.99 -13.83
C ILE A 123 -2.79 8.73 -13.67
N ARG A 124 -2.28 8.99 -12.47
CA ARG A 124 -0.90 8.70 -12.14
C ARG A 124 -0.82 7.63 -11.06
N LYS A 125 0.19 6.78 -11.16
CA LYS A 125 0.44 5.78 -10.12
C LYS A 125 0.66 6.45 -8.77
N ILE A 126 0.13 5.83 -7.73
CA ILE A 126 0.43 6.22 -6.37
C ILE A 126 0.72 4.96 -5.56
N TYR A 127 1.62 5.06 -4.59
CA TYR A 127 1.99 3.91 -3.78
C TYR A 127 1.13 3.80 -2.53
N PRO A 128 0.76 2.56 -2.16
CA PRO A 128 -0.03 2.31 -0.95
C PRO A 128 0.80 2.41 0.32
N ALA A 129 0.14 2.64 1.46
CA ALA A 129 0.78 2.65 2.76
C ALA A 129 0.02 1.73 3.69
N PHE A 130 0.74 1.04 4.57
CA PHE A 130 0.13 0.03 5.41
C PHE A 130 0.58 0.17 6.86
N MET A 131 -0.34 -0.16 7.76
CA MET A 131 -0.04 -0.26 9.18
C MET A 131 -0.33 -1.70 9.60
N LEU A 132 0.64 -2.37 10.22
CA LEU A 132 0.50 -3.79 10.56
C LEU A 132 0.95 -4.05 11.99
N GLY A 133 0.32 -5.00 12.65
CA GLY A 133 0.67 -5.25 14.04
C GLY A 133 0.02 -6.46 14.66
N SER A 134 0.19 -6.57 15.97
CA SER A 134 -0.19 -7.77 16.71
C SER A 134 -1.36 -7.53 17.64
N SER A 135 -1.68 -6.26 17.87
CA SER A 135 -2.69 -5.90 18.85
C SER A 135 -3.36 -4.61 18.42
N VAL A 136 -4.69 -4.63 18.37
CA VAL A 136 -5.46 -3.46 17.97
C VAL A 136 -6.62 -3.16 18.91
N GLY A 137 -7.14 -1.95 18.80
CA GLY A 137 -8.27 -1.51 19.60
C GLY A 137 -8.71 -0.13 19.18
N ASN A 138 -9.32 0.59 20.12
CA ASN A 138 -9.88 1.90 19.80
C ASN A 138 -9.08 3.05 20.38
N PHE A 139 -9.19 4.21 19.73
CA PHE A 139 -8.59 5.42 20.25
C PHE A 139 -9.45 5.95 21.40
N SER A 140 -8.98 7.02 22.04
CA SER A 140 -9.65 7.55 23.23
C SER A 140 -11.11 7.92 23.01
N ASP A 141 -11.42 8.47 21.83
CA ASP A 141 -12.80 8.88 21.55
C ASP A 141 -13.69 7.72 21.07
N GLY A 142 -13.13 6.52 21.06
CA GLY A 142 -13.89 5.33 20.74
C GLY A 142 -13.72 4.79 19.32
N LYS A 143 -13.11 5.58 18.44
CA LYS A 143 -12.95 5.15 17.05
C LYS A 143 -11.94 4.04 16.90
N MET A 144 -12.22 3.12 15.97
CA MET A 144 -11.36 1.96 15.73
C MET A 144 -10.08 2.35 14.98
N GLY A 145 -9.15 1.41 14.92
CA GLY A 145 -7.96 1.60 14.11
C GLY A 145 -6.68 1.88 14.87
N ARG A 146 -6.70 1.75 16.19
CA ARG A 146 -5.48 1.99 16.97
C ARG A 146 -4.64 0.72 17.10
N PHE A 147 -3.36 0.82 16.73
CA PHE A 147 -2.45 -0.31 16.88
C PHE A 147 -1.60 -0.13 18.13
N PHE A 148 -1.55 -1.18 18.96
CA PHE A 148 -0.83 -1.11 20.23
C PHE A 148 0.54 -1.78 20.16
N ASN A 149 1.40 -1.41 21.09
CA ASN A 149 2.78 -1.93 21.15
C ASN A 149 3.53 -1.61 19.86
N HIS A 150 4.54 -2.41 19.53
CA HIS A 150 5.28 -2.16 18.30
C HIS A 150 4.46 -2.44 17.06
N THR A 151 4.50 -1.47 16.15
CA THR A 151 3.70 -1.49 14.94
C THR A 151 4.61 -1.27 13.75
N LEU A 152 4.38 -2.07 12.71
CA LEU A 152 5.11 -1.94 11.47
C LEU A 152 4.37 -0.99 10.55
N VAL A 153 5.08 0.04 10.09
CA VAL A 153 4.51 0.98 9.15
C VAL A 153 5.31 0.94 7.86
N LEU A 154 4.59 0.81 6.74
CA LEU A 154 5.18 0.88 5.40
C LEU A 154 4.63 2.14 4.74
N LEU A 155 5.51 3.13 4.55
CA LEU A 155 5.07 4.45 4.13
C LEU A 155 5.95 4.97 2.99
N PRO A 156 5.39 5.06 1.78
CA PRO A 156 6.13 5.66 0.67
C PRO A 156 6.38 7.14 0.92
N ASP A 157 7.39 7.70 0.26
CA ASP A 157 7.71 9.11 0.43
C ASP A 157 8.45 9.66 -0.78
N GLY A 158 8.73 10.96 -0.71
CA GLY A 158 9.50 11.63 -1.74
C GLY A 158 8.82 11.59 -3.09
N CYS A 159 7.50 11.81 -3.10
CA CYS A 159 6.74 11.83 -4.34
C CYS A 159 6.92 10.51 -5.10
N GLY A 160 6.86 9.42 -4.36
CA GLY A 160 6.97 8.09 -4.94
C GLY A 160 8.38 7.71 -5.36
N THR A 161 9.37 8.19 -4.61
CA THR A 161 10.75 7.80 -4.91
C THR A 161 11.44 7.03 -3.78
N LEU A 162 10.71 6.78 -2.69
CA LEU A 162 11.23 5.82 -1.71
C LEU A 162 10.12 5.14 -0.93
N LEU A 163 10.45 4.01 -0.34
CA LEU A 163 9.60 3.35 0.64
C LEU A 163 10.31 3.35 1.98
N ARG A 164 9.62 3.78 3.03
CA ARG A 164 10.16 3.66 4.37
C ARG A 164 9.46 2.52 5.09
N ALA A 165 10.23 1.70 5.79
CA ALA A 165 9.66 0.65 6.63
C ALA A 165 10.17 0.85 8.03
N PHE A 166 9.29 1.00 9.00
CA PHE A 166 9.75 1.22 10.36
C PHE A 166 8.90 0.52 11.41
N TYR A 167 9.51 0.20 12.54
CA TYR A 167 8.81 -0.61 13.56
C TYR A 167 8.89 0.09 14.90
N CYS A 168 7.80 0.74 15.29
CA CYS A 168 7.83 1.62 16.46
C CYS A 168 6.55 1.51 17.26
N ILE A 169 6.60 1.94 18.52
CA ILE A 169 5.39 2.22 19.26
C ILE A 169 4.83 3.54 18.74
N LEU A 170 3.52 3.57 18.45
CA LEU A 170 2.87 4.76 17.94
C LEU A 170 2.09 5.43 19.07
N GLU A 171 2.61 6.54 19.55
CA GLU A 171 1.97 7.27 20.63
C GLU A 171 1.05 8.32 20.04
N PRO A 172 -0.29 8.14 20.20
CA PRO A 172 -1.18 9.13 19.59
C PRO A 172 -1.02 10.50 20.22
N ARG A 173 -0.94 11.53 19.38
CA ARG A 173 -0.73 12.90 19.85
C ARG A 173 -2.05 13.58 20.21
N SER A 174 -1.98 14.66 20.97
CA SER A 174 -3.17 15.19 21.62
C SER A 174 -3.68 16.55 21.13
N GLY A 175 -3.07 17.10 20.09
CA GLY A 175 -3.55 18.36 19.54
C GLY A 175 -4.90 18.20 18.84
N ASN A 176 -5.51 19.30 18.45
CA ASN A 176 -6.77 19.25 17.70
C ASN A 176 -6.65 18.39 16.44
N HIS A 177 -7.61 17.50 16.26
CA HIS A 177 -7.70 16.58 15.11
C HIS A 177 -6.71 15.41 15.19
N CYS A 178 -5.89 15.37 16.23
CA CYS A 178 -4.96 14.27 16.44
C CYS A 178 -5.67 13.14 17.17
N PRO A 179 -5.15 11.91 17.12
CA PRO A 179 -5.90 10.74 17.63
C PRO A 179 -6.14 10.70 19.13
N ALA A 180 -5.42 11.51 19.91
CA ALA A 180 -5.70 11.62 21.34
C ALA A 180 -6.15 13.04 21.66
N GLY A 181 -6.59 13.76 20.64
CA GLY A 181 -7.06 15.12 20.81
C GLY A 181 -8.54 15.27 20.52
N ASN A 182 -9.02 16.51 20.59
CA ASN A 182 -10.41 16.80 20.26
C ASN A 182 -10.64 16.84 18.76
N SER A 183 -11.89 16.62 18.34
CA SER A 183 -12.28 16.67 16.93
C SER A 183 -11.49 15.69 16.06
N TYR A 184 -11.21 14.51 16.60
CA TYR A 184 -10.55 13.46 15.82
C TYR A 184 -11.55 12.76 14.91
N THR A 185 -11.17 12.58 13.64
CA THR A 185 -12.00 11.82 12.71
C THR A 185 -11.23 10.60 12.26
N SER A 186 -10.12 10.83 11.56
CA SER A 186 -9.19 9.77 11.17
C SER A 186 -7.79 10.35 11.09
N PHE A 187 -6.78 9.52 11.33
CA PHE A 187 -5.42 9.91 10.99
C PHE A 187 -5.21 9.70 9.49
N ALA A 188 -4.13 10.24 8.97
CA ALA A 188 -3.85 10.12 7.54
C ALA A 188 -2.42 10.54 7.34
N THR A 189 -1.94 10.37 6.12
CA THR A 189 -0.70 11.02 5.73
C THR A 189 -0.99 11.94 4.56
N TYR A 190 -0.07 12.85 4.29
CA TYR A 190 -0.23 13.76 3.18
C TYR A 190 1.11 14.24 2.67
N HIS A 191 1.10 14.79 1.46
CA HIS A 191 2.21 15.60 1.00
C HIS A 191 1.64 16.75 0.19
N THR A 192 2.48 17.75 -0.05
CA THR A 192 2.02 19.01 -0.62
C THR A 192 2.83 19.25 -1.89
N PRO A 193 2.31 18.82 -3.04
CA PRO A 193 3.12 18.76 -4.26
C PRO A 193 3.81 20.07 -4.65
N ALA A 194 3.17 21.21 -4.41
CA ALA A 194 3.73 22.50 -4.80
C ALA A 194 5.08 22.76 -4.15
N THR A 195 5.26 22.25 -2.93
CA THR A 195 6.47 22.50 -2.16
C THR A 195 7.30 21.23 -1.95
N ASP A 196 6.68 20.07 -2.15
CA ASP A 196 7.34 18.80 -1.84
C ASP A 196 7.83 18.06 -3.08
N CYS A 197 7.31 18.43 -4.24
CA CYS A 197 7.62 17.69 -5.45
C CYS A 197 8.13 18.57 -6.59
N SER A 198 8.84 19.63 -6.23
N SER A 198 8.83 19.64 -6.23
CA SER A 198 9.44 20.48 -7.24
CA SER A 198 9.42 20.50 -7.24
C SER A 198 10.65 19.78 -7.83
C SER A 198 10.66 19.83 -7.82
N ASP A 199 10.91 20.05 -9.10
CA ASP A 199 12.00 19.40 -9.84
C ASP A 199 13.35 19.48 -9.14
N GLY A 200 13.97 18.33 -8.92
CA GLY A 200 15.31 18.27 -8.37
C GLY A 200 15.39 18.36 -6.85
N ASN A 201 14.25 18.62 -6.21
CA ASN A 201 14.24 18.79 -4.76
C ASN A 201 13.01 18.18 -4.11
N TYR A 202 12.77 16.90 -4.39
CA TYR A 202 11.68 16.18 -3.75
C TYR A 202 11.91 16.10 -2.24
N ASN A 203 10.84 16.29 -1.49
CA ASN A 203 10.88 16.21 -0.03
C ASN A 203 10.76 14.75 0.40
N ARG A 204 11.86 14.15 0.82
CA ARG A 204 11.90 12.73 1.11
C ARG A 204 11.28 12.39 2.46
N ASN A 205 10.85 13.42 3.19
CA ASN A 205 10.25 13.22 4.51
C ASN A 205 8.84 13.77 4.63
N ALA A 206 8.22 14.16 3.51
CA ALA A 206 6.90 14.79 3.59
C ALA A 206 5.84 13.91 4.27
N SER A 207 5.68 12.69 3.76
CA SER A 207 4.71 11.76 4.30
CA SER A 207 4.69 11.79 4.30
CA SER A 207 4.69 11.78 4.31
C SER A 207 5.05 11.38 5.74
N LEU A 208 6.34 11.13 5.98
CA LEU A 208 6.78 10.78 7.33
C LEU A 208 6.47 11.91 8.31
N ASN A 209 6.73 13.16 7.90
CA ASN A 209 6.41 14.32 8.74
C ASN A 209 4.90 14.42 9.05
N SER A 210 4.09 14.20 8.01
CA SER A 210 2.66 14.21 8.19
C SER A 210 2.22 13.12 9.20
N PHE A 211 2.83 11.95 9.09
CA PHE A 211 2.53 10.85 10.00
C PHE A 211 2.92 11.22 11.44
N LYS A 212 4.08 11.85 11.58
CA LYS A 212 4.59 12.30 12.86
C LYS A 212 3.71 13.38 13.50
N GLU A 213 2.90 14.05 12.68
CA GLU A 213 1.90 14.95 13.28
C GLU A 213 0.81 14.21 14.09
N TYR A 214 0.40 13.03 13.62
CA TYR A 214 -0.65 12.27 14.31
C TYR A 214 -0.09 11.36 15.41
N PHE A 215 1.13 10.86 15.22
CA PHE A 215 1.76 9.96 16.18
C PHE A 215 3.20 10.35 16.48
N ASN A 216 3.59 10.30 17.76
CA ASN A 216 5.00 10.29 18.11
C ASN A 216 5.53 8.88 17.95
N LEU A 217 6.68 8.76 17.27
CA LEU A 217 7.31 7.46 17.09
C LEU A 217 8.22 7.18 18.28
N ARG A 218 8.02 6.05 18.94
CA ARG A 218 8.78 5.73 20.15
C ARG A 218 9.42 4.36 20.08
N ASN A 219 10.66 4.27 20.56
CA ASN A 219 11.36 2.99 20.65
C ASN A 219 11.39 2.20 19.34
N CYS A 220 11.76 2.89 18.27
CA CYS A 220 11.86 2.27 16.96
C CYS A 220 13.04 1.33 16.91
N THR A 221 12.81 0.09 16.49
CA THR A 221 13.89 -0.88 16.43
C THR A 221 14.61 -0.79 15.09
N PHE A 222 13.91 -0.30 14.08
CA PHE A 222 14.51 -0.04 12.78
C PHE A 222 13.68 0.94 11.97
N MET A 223 14.39 1.64 11.08
CA MET A 223 13.79 2.43 10.01
C MET A 223 14.65 2.28 8.76
N TYR A 224 14.14 1.54 7.79
CA TYR A 224 14.84 1.28 6.54
C TYR A 224 14.23 2.08 5.40
N THR A 225 15.05 2.47 4.44
CA THR A 225 14.53 3.10 3.22
C THR A 225 14.97 2.34 1.98
N TYR A 226 14.07 2.31 1.00
CA TYR A 226 14.33 1.64 -0.27
C TYR A 226 14.03 2.62 -1.39
N ASN A 227 15.04 2.95 -2.19
CA ASN A 227 14.85 3.91 -3.27
C ASN A 227 14.05 3.34 -4.44
N ILE A 228 13.22 4.19 -5.04
CA ILE A 228 12.35 3.79 -6.13
C ILE A 228 12.56 4.74 -7.31
N THR A 229 12.79 4.18 -8.49
CA THR A 229 12.88 5.00 -9.68
C THR A 229 11.50 5.43 -10.13
N GLU A 230 11.37 6.71 -10.47
CA GLU A 230 10.11 7.31 -10.89
C GLU A 230 9.67 6.83 -12.27
N ASP A 231 8.51 6.18 -12.33
CA ASP A 231 7.87 5.85 -13.59
C ASP A 231 6.37 5.62 -13.37
N GLU A 232 5.65 5.32 -14.46
CA GLU A 232 4.22 5.06 -14.37
C GLU A 232 3.91 3.60 -14.69
N ILE A 233 4.89 2.73 -14.43
CA ILE A 233 4.77 1.31 -14.76
C ILE A 233 4.00 0.54 -13.69
N LEU A 234 3.08 -0.32 -14.13
CA LEU A 234 2.33 -1.23 -13.27
C LEU A 234 3.30 -2.04 -12.43
N GLU A 235 2.99 -2.23 -11.15
CA GLU A 235 3.82 -3.12 -10.35
C GLU A 235 3.05 -3.91 -9.31
N TRP A 236 3.71 -4.92 -8.76
CA TRP A 236 3.13 -5.78 -7.74
C TRP A 236 3.99 -5.73 -6.49
N PHE A 237 3.33 -5.68 -5.34
CA PHE A 237 4.01 -5.70 -4.04
C PHE A 237 3.43 -6.83 -3.21
N GLY A 238 4.24 -7.49 -2.40
CA GLY A 238 3.73 -8.59 -1.59
C GLY A 238 4.28 -8.56 -0.19
N ILE A 239 3.57 -9.15 0.75
CA ILE A 239 4.06 -9.24 2.12
C ILE A 239 3.60 -10.54 2.77
N THR A 240 4.57 -11.22 3.40
CA THR A 240 4.31 -12.43 4.16
C THR A 240 5.10 -12.38 5.47
N GLN A 241 4.94 -13.40 6.31
CA GLN A 241 5.72 -13.48 7.53
C GLN A 241 6.05 -14.92 7.86
N THR A 242 7.26 -15.14 8.36
CA THR A 242 7.65 -16.43 8.91
C THR A 242 8.36 -16.16 10.22
N ALA A 243 8.89 -17.21 10.85
CA ALA A 243 9.63 -17.05 12.08
C ALA A 243 10.91 -16.24 11.85
N GLN A 244 11.30 -16.08 10.59
CA GLN A 244 12.48 -15.28 10.26
C GLN A 244 12.17 -13.79 10.23
N GLY A 245 10.88 -13.46 10.21
CA GLY A 245 10.46 -12.06 10.20
C GLY A 245 9.45 -11.76 9.11
N VAL A 246 9.31 -10.47 8.79
CA VAL A 246 8.35 -10.05 7.78
C VAL A 246 9.04 -9.89 6.43
N HIS A 247 8.52 -10.55 5.40
CA HIS A 247 9.15 -10.54 4.10
C HIS A 247 8.41 -9.63 3.12
N LEU A 248 9.16 -8.73 2.49
CA LEU A 248 8.62 -7.82 1.50
C LEU A 248 9.01 -8.27 0.10
N PHE A 249 8.06 -8.21 -0.83
CA PHE A 249 8.26 -8.63 -2.21
C PHE A 249 7.88 -7.51 -3.17
N SER A 250 8.58 -7.45 -4.31
CA SER A 250 8.26 -6.48 -5.34
C SER A 250 8.63 -7.03 -6.70
N SER A 251 7.93 -6.56 -7.73
CA SER A 251 8.29 -6.87 -9.09
C SER A 251 9.36 -5.90 -9.62
N ARG A 252 9.57 -4.79 -8.91
CA ARG A 252 10.38 -3.68 -9.43
C ARG A 252 11.83 -3.99 -9.79
N TYR A 253 12.51 -4.73 -8.94
CA TYR A 253 13.95 -4.88 -9.11
C TYR A 253 14.34 -6.04 -10.03
N VAL A 254 13.51 -7.07 -10.08
CA VAL A 254 13.84 -8.29 -10.81
C VAL A 254 12.98 -8.51 -12.06
N ASP A 255 11.74 -8.03 -12.03
CA ASP A 255 10.83 -8.22 -13.17
C ASP A 255 9.93 -7.00 -13.39
N LEU A 256 10.56 -5.84 -13.55
CA LEU A 256 9.84 -4.57 -13.66
C LEU A 256 8.77 -4.59 -14.74
N TYR A 257 9.09 -5.22 -15.87
CA TYR A 257 8.20 -5.18 -17.02
C TYR A 257 7.23 -6.36 -17.08
N GLY A 258 7.42 -7.35 -16.22
CA GLY A 258 6.63 -8.56 -16.26
C GLY A 258 5.74 -8.83 -15.06
N GLY A 259 6.12 -8.32 -13.90
CA GLY A 259 5.26 -8.41 -12.73
C GLY A 259 5.52 -9.50 -11.70
N ASN A 260 6.39 -10.46 -11.99
CA ASN A 260 6.74 -11.49 -11.01
C ASN A 260 7.33 -10.84 -9.75
N MET A 261 6.92 -11.29 -8.57
CA MET A 261 7.41 -10.72 -7.33
C MET A 261 8.59 -11.49 -6.74
N PHE A 262 9.61 -10.75 -6.33
CA PHE A 262 10.78 -11.33 -5.68
C PHE A 262 11.05 -10.63 -4.37
N GLN A 263 11.60 -11.35 -3.41
CA GLN A 263 11.85 -10.80 -2.09
C GLN A 263 12.93 -9.73 -2.16
N PHE A 264 12.69 -8.60 -1.50
CA PHE A 264 13.71 -7.55 -1.43
C PHE A 264 14.11 -7.18 0.00
N ALA A 265 13.38 -7.72 0.97
CA ALA A 265 13.70 -7.44 2.37
C ALA A 265 13.11 -8.46 3.34
N THR A 266 13.83 -8.69 4.42
CA THR A 266 13.31 -9.38 5.59
C THR A 266 13.49 -8.44 6.78
N LEU A 267 12.37 -8.09 7.40
CA LEU A 267 12.33 -7.16 8.51
C LEU A 267 12.31 -7.94 9.79
N PRO A 268 13.15 -7.53 10.76
CA PRO A 268 13.25 -8.19 12.06
C PRO A 268 12.01 -7.90 12.90
N VAL A 269 10.89 -8.42 12.45
CA VAL A 269 9.64 -8.32 13.18
C VAL A 269 9.20 -9.75 13.48
N TYR A 270 9.35 -10.14 14.74
CA TYR A 270 9.19 -11.54 15.12
C TYR A 270 7.91 -11.77 15.92
N ASP A 271 7.28 -10.69 16.37
CA ASP A 271 5.96 -10.76 16.96
C ASP A 271 4.96 -10.96 15.82
N THR A 272 4.11 -11.96 15.94
CA THR A 272 3.23 -12.33 14.84
C THR A 272 2.28 -11.20 14.44
N ILE A 273 2.35 -10.81 13.18
CA ILE A 273 1.42 -9.83 12.63
C ILE A 273 0.06 -10.48 12.43
N LYS A 274 -0.96 -9.91 13.09
CA LYS A 274 -2.30 -10.45 13.03
C LYS A 274 -3.25 -9.49 12.33
N TYR A 275 -2.87 -8.22 12.30
CA TYR A 275 -3.79 -7.20 11.79
C TYR A 275 -3.09 -6.21 10.87
N TYR A 276 -3.85 -5.65 9.93
CA TYR A 276 -3.34 -4.54 9.14
C TYR A 276 -4.47 -3.59 8.74
N SER A 277 -4.09 -2.36 8.43
CA SER A 277 -4.99 -1.42 7.81
C SER A 277 -4.26 -0.67 6.71
N ILE A 278 -5.03 -0.05 5.83
CA ILE A 278 -4.46 0.80 4.79
C ILE A 278 -4.48 2.21 5.36
N ILE A 279 -3.34 2.88 5.32
CA ILE A 279 -3.23 4.24 5.81
C ILE A 279 -3.68 5.18 4.70
N PRO A 280 -4.74 5.95 4.95
CA PRO A 280 -5.19 6.86 3.90
C PRO A 280 -4.19 7.99 3.68
N HIS A 281 -3.93 8.29 2.41
CA HIS A 281 -3.12 9.43 2.04
C HIS A 281 -3.99 10.43 1.32
N SER A 282 -3.80 11.72 1.60
CA SER A 282 -4.48 12.75 0.83
C SER A 282 -3.45 13.72 0.28
N ILE A 283 -3.64 14.15 -0.96
CA ILE A 283 -2.66 14.97 -1.64
C ILE A 283 -3.07 16.43 -1.52
N ARG A 284 -2.26 17.22 -0.82
CA ARG A 284 -2.60 18.61 -0.56
C ARG A 284 -2.26 19.50 -1.76
N SER A 285 -2.97 19.26 -2.85
CA SER A 285 -2.82 20.08 -4.04
C SER A 285 -3.75 21.28 -3.95
N ILE A 286 -3.50 22.28 -4.79
CA ILE A 286 -4.48 23.34 -4.98
C ILE A 286 -5.41 22.90 -6.10
N GLN A 287 -6.53 23.59 -6.26
CA GLN A 287 -7.55 23.15 -7.22
C GLN A 287 -7.00 22.93 -8.63
N SER A 288 -6.19 23.86 -9.11
CA SER A 288 -5.67 23.78 -10.48
C SER A 288 -4.58 22.72 -10.66
N ASP A 289 -4.14 22.10 -9.56
CA ASP A 289 -3.06 21.11 -9.63
C ASP A 289 -3.60 19.71 -9.36
N ARG A 290 -4.93 19.56 -9.31
CA ARG A 290 -5.52 18.28 -8.95
C ARG A 290 -5.29 17.20 -9.99
N LYS A 291 -4.85 16.03 -9.52
CA LYS A 291 -4.68 14.89 -10.39
C LYS A 291 -5.56 13.73 -9.93
N ALA A 292 -5.64 12.70 -10.77
CA ALA A 292 -6.28 11.44 -10.39
C ALA A 292 -5.18 10.44 -10.06
N TRP A 293 -5.37 9.68 -8.99
CA TRP A 293 -4.37 8.74 -8.52
C TRP A 293 -4.90 7.32 -8.62
N ALA A 294 -4.11 6.45 -9.26
CA ALA A 294 -4.49 5.07 -9.55
C ALA A 294 -4.89 4.30 -8.31
N ALA A 295 -6.07 3.71 -8.36
CA ALA A 295 -6.49 2.79 -7.31
C ALA A 295 -5.50 1.64 -7.22
N PHE A 296 -5.34 1.12 -6.01
CA PHE A 296 -4.58 -0.11 -5.83
C PHE A 296 -5.46 -1.20 -5.25
N TYR A 297 -5.04 -2.45 -5.42
CA TYR A 297 -5.90 -3.58 -5.07
C TYR A 297 -5.15 -4.60 -4.23
N VAL A 298 -5.74 -5.01 -3.12
CA VAL A 298 -5.12 -5.95 -2.19
C VAL A 298 -5.83 -7.30 -2.26
N TYR A 299 -5.06 -8.36 -2.48
CA TYR A 299 -5.61 -9.71 -2.60
C TYR A 299 -4.94 -10.61 -1.55
N LYS A 300 -5.75 -11.29 -0.75
CA LYS A 300 -5.23 -12.17 0.29
C LYS A 300 -4.53 -13.39 -0.30
N LEU A 301 -3.50 -13.86 0.37
CA LEU A 301 -2.77 -15.05 -0.05
C LEU A 301 -3.27 -16.27 0.70
N GLN A 302 -3.21 -17.43 0.05
CA GLN A 302 -3.47 -18.70 0.73
C GLN A 302 -2.68 -19.82 0.07
N PRO A 303 -2.45 -20.92 0.81
CA PRO A 303 -1.73 -22.05 0.23
C PRO A 303 -2.59 -22.75 -0.83
N LEU A 304 -2.13 -22.68 -2.06
CA LEU A 304 -2.81 -23.30 -3.19
C LEU A 304 -1.79 -23.97 -4.09
N THR A 305 -2.22 -25.00 -4.80
CA THR A 305 -1.39 -25.62 -5.81
C THR A 305 -1.71 -25.02 -7.17
N PHE A 306 -0.70 -24.43 -7.80
CA PHE A 306 -0.83 -23.85 -9.13
C PHE A 306 -0.04 -24.65 -10.14
N LEU A 307 -0.51 -24.65 -11.38
CA LEU A 307 0.36 -24.99 -12.48
C LEU A 307 1.13 -23.71 -12.79
N LEU A 308 2.47 -23.80 -12.82
CA LEU A 308 3.30 -22.68 -13.18
C LEU A 308 4.06 -22.98 -14.46
N ASP A 309 3.94 -22.07 -15.42
CA ASP A 309 4.63 -22.18 -16.71
C ASP A 309 5.83 -21.24 -16.71
N PHE A 310 7.03 -21.80 -16.65
CA PHE A 310 8.26 -21.04 -16.67
C PHE A 310 8.80 -20.95 -18.08
N SER A 311 9.02 -19.72 -18.55
CA SER A 311 9.62 -19.47 -19.86
C SER A 311 11.09 -19.87 -19.87
N VAL A 312 11.72 -19.76 -21.04
CA VAL A 312 13.14 -20.05 -21.18
C VAL A 312 13.97 -19.16 -20.27
N ASP A 313 13.60 -17.88 -20.19
CA ASP A 313 14.36 -16.92 -19.38
C ASP A 313 14.09 -17.04 -17.88
N GLY A 314 13.19 -17.94 -17.51
CA GLY A 314 12.96 -18.25 -16.11
C GLY A 314 11.73 -17.63 -15.48
N TYR A 315 11.10 -16.69 -16.19
CA TYR A 315 9.94 -16.00 -15.63
C TYR A 315 8.63 -16.75 -15.83
N ILE A 316 7.66 -16.48 -14.96
CA ILE A 316 6.34 -17.09 -15.06
C ILE A 316 5.38 -16.14 -15.77
N ARG A 317 4.88 -16.55 -16.93
CA ARG A 317 3.99 -15.71 -17.71
C ARG A 317 2.60 -16.33 -17.83
N ARG A 318 2.43 -17.50 -17.24
CA ARG A 318 1.15 -18.19 -17.26
C ARG A 318 1.05 -19.15 -16.09
N ALA A 319 -0.12 -19.17 -15.44
CA ALA A 319 -0.38 -20.08 -14.34
C ALA A 319 -1.82 -20.58 -14.41
N ILE A 320 -2.09 -21.68 -13.70
CA ILE A 320 -3.46 -22.15 -13.54
C ILE A 320 -3.74 -22.38 -12.07
N ASP A 321 -4.84 -21.83 -11.58
CA ASP A 321 -5.32 -22.09 -10.24
C ASP A 321 -6.07 -23.41 -10.30
N CYS A 322 -5.41 -24.49 -9.89
CA CYS A 322 -5.92 -25.83 -10.10
C CYS A 322 -7.29 -26.08 -9.47
N GLY A 323 -7.52 -25.51 -8.29
CA GLY A 323 -8.77 -25.73 -7.57
C GLY A 323 -9.92 -24.84 -8.00
N PHE A 324 -9.68 -24.01 -9.02
CA PHE A 324 -10.69 -23.07 -9.48
C PHE A 324 -11.93 -23.80 -9.99
N ASN A 325 -11.72 -24.83 -10.80
CA ASN A 325 -12.80 -25.72 -11.22
C ASN A 325 -12.26 -27.06 -11.73
N ASP A 326 -13.16 -27.96 -12.13
CA ASP A 326 -12.75 -29.29 -12.57
C ASP A 326 -11.91 -29.23 -13.84
N LEU A 327 -12.20 -28.27 -14.71
CA LEU A 327 -11.47 -28.11 -15.97
C LEU A 327 -10.03 -27.71 -15.69
N SER A 328 -9.85 -26.74 -14.80
CA SER A 328 -8.52 -26.32 -14.38
CA SER A 328 -8.53 -26.31 -14.37
C SER A 328 -7.79 -27.47 -13.69
N GLN A 329 -8.51 -28.23 -12.88
CA GLN A 329 -7.97 -29.40 -12.19
C GLN A 329 -7.40 -30.39 -13.19
N LEU A 330 -8.20 -30.68 -14.21
CA LEU A 330 -7.82 -31.61 -15.27
C LEU A 330 -6.58 -31.09 -15.97
N HIS A 331 -6.57 -29.81 -16.29
CA HIS A 331 -5.40 -29.24 -16.96
C HIS A 331 -4.12 -29.27 -16.12
N CYS A 332 -4.27 -29.15 -14.80
CA CYS A 332 -3.12 -29.25 -13.91
C CYS A 332 -2.58 -30.67 -13.84
N SER A 333 -3.47 -31.64 -13.97
CA SER A 333 -3.11 -33.04 -13.84
C SER A 333 -2.33 -33.52 -15.07
C1 NAG B . 2.17 4.54 -18.91
C2 NAG B . 2.38 3.04 -18.74
C3 NAG B . 3.86 2.72 -18.59
C4 NAG B . 4.69 3.39 -19.68
C5 NAG B . 4.37 4.87 -19.77
C6 NAG B . 5.07 5.59 -20.90
C7 NAG B . 0.55 1.74 -17.71
C8 NAG B . -0.08 1.33 -16.41
N2 NAG B . 1.64 2.53 -17.60
O3 NAG B . 4.03 1.30 -18.64
O4 NAG B . 6.08 3.28 -19.37
O5 NAG B . 2.95 5.02 -19.99
O6 NAG B . 4.81 4.98 -22.16
O7 NAG B . 0.11 1.39 -18.79
C1 NAG B . 6.71 2.32 -20.21
C2 NAG B . 8.21 2.57 -20.16
C3 NAG B . 8.94 1.56 -21.03
C4 NAG B . 8.54 0.13 -20.64
C5 NAG B . 7.03 -0.02 -20.58
C6 NAG B . 6.60 -1.34 -19.98
C7 NAG B . 8.87 4.91 -19.73
C8 NAG B . 9.18 6.24 -20.35
N2 NAG B . 8.53 3.93 -20.58
O3 NAG B . 10.34 1.73 -20.87
O4 NAG B . 9.06 -0.77 -21.60
O5 NAG B . 6.44 1.01 -19.77
O6 NAG B . 5.18 -1.45 -19.92
O7 NAG B . 8.93 4.72 -18.52
C1 NAG C . 14.00 12.46 7.59
C2 NAG C . 14.48 13.17 8.84
C3 NAG C . 15.76 12.51 9.38
C4 NAG C . 15.62 10.99 9.45
C5 NAG C . 15.05 10.44 8.15
C6 NAG C . 14.75 8.96 8.19
C7 NAG C . 14.03 15.56 9.17
C8 NAG C . 14.42 16.95 8.77
N2 NAG C . 14.73 14.58 8.58
O3 NAG C . 16.01 13.04 10.67
O4 NAG C . 16.91 10.39 9.57
O5 NAG C . 13.81 11.10 7.85
O6 NAG C . 14.62 8.42 6.88
O7 NAG C . 13.14 15.34 9.99
C1 NAG C . 17.48 10.42 10.89
C2 NAG C . 18.47 9.26 10.95
C3 NAG C . 19.32 9.32 12.21
C4 NAG C . 19.91 10.71 12.42
C5 NAG C . 18.82 11.76 12.33
C6 NAG C . 19.35 13.17 12.40
C7 NAG C . 17.70 7.22 9.80
C8 NAG C . 16.92 5.96 9.93
N2 NAG C . 17.75 7.99 10.89
O3 NAG C . 20.37 8.37 12.11
O4 NAG C . 20.52 10.78 13.70
O5 NAG C . 18.17 11.64 11.06
O6 NAG C . 18.28 14.12 12.39
O7 NAG C . 18.24 7.55 8.75
#